data_7YHO
#
_entry.id   7YHO
#
_cell.length_a   1.00
_cell.length_b   1.00
_cell.length_c   1.00
_cell.angle_alpha   90.00
_cell.angle_beta   90.00
_cell.angle_gamma   90.00
#
_symmetry.space_group_name_H-M   'P 1'
#
loop_
_entity.id
_entity.type
_entity.pdbx_description
1 polymer 'Sex-determining region Y protein,DNA glycosylase/AP lyase ROS1'
2 polymer 'DNA (40-MER)'
3 polymer 'DNA (40-MER)'
4 non-polymer 'IRON/SULFUR CLUSTER'
#
loop_
_entity_poly.entity_id
_entity_poly.type
_entity_poly.pdbx_seq_one_letter_code
_entity_poly.pdbx_strand_id
1 'polypeptide(L)'
;SVQDRVKRPMNAFIVWSRDQRRKMALENPRMRNSEISKQLGYQWKMLTEAEKWPFFQEAQKLQAMHREKYPNYKYRKGGS
SAGAIVPVTPVKKPRPRPKVDLDDETDRVWKLLLENINSEGVDGSDEQKAKWWEEERNVFRGRADSFIARMHLVQGDRRF
TPWKGSVVDSVVGVFLTQNVSDHLSSSAFMSLASQFPVPFVPSSNFDAGTSSMPSIQITYLDSEETMSSPPDHNHSCQKP
TLKEKGKKVLKEEKKAFDWDCLRREAQARAGIREKTRSTMDTVDWKAIRAADVKEVAETIKSRGMNHKLAERIQGFLDRL
VNDHGSIDLEWLRDVPPDKAKEYLLSFNGLGLKSVECVRLLTLHHLAFPVNTNVGRIAVRLGWVPLQPLPESLQLHLLEM
YPMLESIQKYLWPRLCKLDQKTLYELHYQMITFGKVFCTKSKPNCNACPMKGECRHFASAFASARLALPSTEKTCCEPII
EEPASPEPETAEVSIADIEEAFFEDPEEIPTIRLNMDAFTSNLKKIMEHNKELQDGNMSSALVALTAETASLPMPKLKNI
SQLRTEHRVYELPDEHPLLAQLEKREPDDPCSYLLAIWTPGETADSIQPSVSTCIFQANGMLCDEETCFSCNSIKETRSQ
IVRGTILIPCRTAMRGSFPLNGTYFQVNEVFADHASSLNPINVPRELIWELPRRTVYFGTSVPTIFKGLSTEKIQACFWK
GYVCVRGFDRKTRGPKPLIARLHFPASKLKGQQANLA
;
A
2 'polydeoxyribonucleotide'
;(DT)(DA)(DG)(DC)(DT)(DG)(DA)(DG)(DT)(DG)(DA)(DT)(DC)(DC)(DG)(DG)(DA)(DG)(DT)(DC)
(DT)(DG)(DA)(DA)(DA)(DC)(DA)(DA)(DT)(DG)(DC)(DA)(DT)(DC)(DA)(DC)(DA)(DG)(DA)(DG)
;
B
3 'polydeoxyribonucleotide'
;(DC)(DT)(DC)(DT)(DG)(DT)(DG)(DA)(DT)(DG)(DC)(DA)(DT)(DT)(DG)(DT)(DT)(DT)(DC)(DA)
(DG)(DA)(DC)(DT)(DC)(DT)(DG)(DG)(DA)(DT)(DC)(DA)(DC)(DT)(DC)(DA)(DG)(DC)(DT)(DA)
;
C
#
loop_
_chem_comp.id
_chem_comp.type
_chem_comp.name
_chem_comp.formula
DA DNA linking 2'-DEOXYADENOSINE-5'-MONOPHOSPHATE 'C10 H14 N5 O6 P'
DC DNA linking 2'-DEOXYCYTIDINE-5'-MONOPHOSPHATE 'C9 H14 N3 O7 P'
DG DNA linking 2'-DEOXYGUANOSINE-5'-MONOPHOSPHATE 'C10 H14 N5 O7 P'
DT DNA linking THYMIDINE-5'-MONOPHOSPHATE 'C10 H15 N2 O8 P'
SF4 non-polymer 'IRON/SULFUR CLUSTER' 'Fe4 S4'
#
# COMPACT_ATOMS: atom_id res chain seq x y z
N LYS A 131 20.93 -30.60 13.23
CA LYS A 131 21.43 -29.95 12.02
C LYS A 131 21.68 -28.47 12.28
N TRP A 132 22.78 -27.96 11.72
CA TRP A 132 23.13 -26.56 11.93
C TRP A 132 22.10 -25.63 11.29
N TRP A 133 21.42 -26.09 10.24
CA TRP A 133 20.47 -25.23 9.54
C TRP A 133 19.31 -24.85 10.44
N GLU A 134 18.66 -25.84 11.06
CA GLU A 134 17.45 -25.57 11.83
C GLU A 134 17.75 -24.70 13.05
N GLU A 135 18.86 -24.95 13.73
CA GLU A 135 19.21 -24.13 14.88
C GLU A 135 19.59 -22.72 14.46
N GLU A 136 20.14 -22.56 13.26
CA GLU A 136 20.42 -21.22 12.74
C GLU A 136 19.14 -20.51 12.31
N ARG A 137 18.12 -21.28 11.90
CA ARG A 137 16.83 -20.68 11.59
C ARG A 137 16.23 -20.01 12.81
N ASN A 138 16.38 -20.65 13.98
CA ASN A 138 15.81 -20.11 15.20
C ASN A 138 16.44 -18.77 15.58
N VAL A 139 17.72 -18.59 15.28
CA VAL A 139 18.44 -17.39 15.72
C VAL A 139 17.84 -16.14 15.07
N PHE A 140 17.69 -16.16 13.74
CA PHE A 140 17.15 -14.99 13.06
C PHE A 140 15.65 -14.88 13.25
N ARG A 141 14.94 -16.01 13.30
CA ARG A 141 13.51 -15.97 13.58
C ARG A 141 13.24 -15.38 14.95
N GLY A 142 14.08 -15.70 15.93
CA GLY A 142 13.98 -15.01 17.20
C GLY A 142 14.26 -13.52 17.09
N ARG A 143 15.24 -13.15 16.27
CA ARG A 143 15.51 -11.74 16.02
C ARG A 143 14.40 -11.10 15.21
N ALA A 144 13.85 -11.83 14.23
CA ALA A 144 12.78 -11.27 13.40
C ALA A 144 11.56 -10.91 14.25
N ASP A 145 11.15 -11.83 15.13
CA ASP A 145 10.02 -11.53 16.01
C ASP A 145 10.39 -10.47 17.03
N SER A 146 11.67 -10.43 17.43
CA SER A 146 12.13 -9.34 18.30
C SER A 146 12.05 -8.00 17.58
N PHE A 147 12.37 -7.98 16.29
CA PHE A 147 12.21 -6.76 15.50
C PHE A 147 10.75 -6.37 15.41
N ILE A 148 9.86 -7.34 15.21
CA ILE A 148 8.43 -7.05 15.15
C ILE A 148 7.93 -6.56 16.51
N ALA A 149 8.31 -7.26 17.58
CA ALA A 149 7.79 -6.95 18.90
C ALA A 149 8.20 -5.55 19.35
N ARG A 150 9.47 -5.19 19.14
CA ARG A 150 9.94 -3.87 19.57
C ARG A 150 9.24 -2.75 18.81
N MET A 151 9.05 -2.93 17.51
CA MET A 151 8.43 -1.88 16.70
C MET A 151 6.92 -1.85 16.90
N HIS A 152 6.29 -3.00 17.12
CA HIS A 152 4.84 -3.05 17.27
C HIS A 152 4.37 -2.15 18.41
N LEU A 153 5.21 -1.99 19.43
CA LEU A 153 4.90 -1.04 20.50
C LEU A 153 4.84 0.39 19.98
N VAL A 154 5.71 0.73 19.02
CA VAL A 154 5.75 2.08 18.49
C VAL A 154 5.01 2.21 17.16
N GLN A 155 5.04 1.17 16.33
CA GLN A 155 4.46 1.23 15.00
C GLN A 155 2.97 0.91 14.99
N GLY A 156 2.30 1.04 16.13
CA GLY A 156 0.88 0.75 16.18
C GLY A 156 0.61 -0.74 16.11
N ASP A 157 -0.68 -1.06 15.96
CA ASP A 157 -1.13 -2.44 15.84
C ASP A 157 -1.78 -2.62 14.47
N ARG A 158 -1.33 -3.63 13.73
CA ARG A 158 -1.90 -3.93 12.43
C ARG A 158 -1.71 -5.41 12.11
N ARG A 159 -2.82 -6.08 11.80
CA ARG A 159 -2.80 -7.47 11.36
C ARG A 159 -3.54 -7.56 10.03
N PHE A 160 -3.80 -8.79 9.59
CA PHE A 160 -4.47 -9.00 8.31
C PHE A 160 -5.90 -8.48 8.38
N THR A 161 -6.20 -7.48 7.56
CA THR A 161 -7.55 -6.94 7.44
C THR A 161 -7.97 -7.10 5.98
N PRO A 162 -8.95 -7.95 5.67
CA PRO A 162 -9.25 -8.26 4.28
C PRO A 162 -9.90 -7.09 3.55
N TRP A 163 -9.74 -7.09 2.23
CA TRP A 163 -10.37 -6.13 1.33
C TRP A 163 -11.10 -6.88 0.23
N LYS A 164 -12.09 -6.21 -0.36
CA LYS A 164 -12.99 -6.81 -1.32
C LYS A 164 -12.48 -6.70 -2.76
N GLY A 165 -11.18 -6.56 -2.96
CA GLY A 165 -10.67 -6.37 -4.31
C GLY A 165 -10.63 -7.67 -5.09
N SER A 166 -10.98 -7.58 -6.37
CA SER A 166 -10.88 -8.72 -7.26
C SER A 166 -9.42 -8.99 -7.62
N VAL A 167 -9.17 -10.18 -8.19
CA VAL A 167 -7.81 -10.57 -8.53
C VAL A 167 -7.28 -9.75 -9.69
N VAL A 168 -8.14 -9.49 -10.69
CA VAL A 168 -7.72 -8.67 -11.83
C VAL A 168 -7.37 -7.26 -11.35
N ASP A 169 -8.11 -6.74 -10.38
CA ASP A 169 -7.79 -5.44 -9.81
C ASP A 169 -6.41 -5.44 -9.18
N SER A 170 -6.07 -6.51 -8.45
CA SER A 170 -4.75 -6.59 -7.84
C SER A 170 -3.66 -6.69 -8.90
N VAL A 171 -3.93 -7.44 -9.98
CA VAL A 171 -2.97 -7.54 -11.07
C VAL A 171 -2.71 -6.18 -11.69
N VAL A 172 -3.78 -5.42 -11.94
CA VAL A 172 -3.62 -4.09 -12.53
C VAL A 172 -2.92 -3.14 -11.55
N GLY A 173 -3.19 -3.29 -10.25
CA GLY A 173 -2.49 -2.47 -9.28
C GLY A 173 -1.00 -2.73 -9.26
N VAL A 174 -0.60 -4.01 -9.26
CA VAL A 174 0.82 -4.32 -9.32
C VAL A 174 1.42 -3.88 -10.66
N PHE A 175 0.59 -3.87 -11.71
CA PHE A 175 1.03 -3.33 -12.99
C PHE A 175 1.35 -1.85 -12.87
N LEU A 176 0.50 -1.10 -12.17
CA LEU A 176 0.64 0.35 -12.10
C LEU A 176 1.65 0.81 -11.05
N THR A 177 2.06 -0.05 -10.12
CA THR A 177 2.98 0.36 -9.08
C THR A 177 4.44 0.02 -9.38
N GLN A 178 4.81 -0.07 -10.65
CA GLN A 178 6.18 -0.42 -11.03
C GLN A 178 7.03 0.84 -11.13
N ASN A 179 8.09 0.92 -10.31
CA ASN A 179 9.10 1.98 -10.34
C ASN A 179 8.52 3.36 -10.09
N VAL A 180 7.39 3.46 -9.39
CA VAL A 180 6.78 4.74 -9.08
C VAL A 180 6.41 4.75 -7.60
N SER A 181 6.27 5.95 -7.04
CA SER A 181 5.88 6.10 -5.65
C SER A 181 4.46 5.57 -5.44
N ASP A 182 4.18 5.14 -4.22
CA ASP A 182 2.92 4.45 -3.94
C ASP A 182 1.71 5.36 -4.17
N HIS A 183 1.79 6.61 -3.72
CA HIS A 183 0.63 7.49 -3.83
C HIS A 183 0.30 7.79 -5.29
N LEU A 184 1.31 8.01 -6.12
CA LEU A 184 1.06 8.24 -7.54
C LEU A 184 0.44 7.00 -8.20
N SER A 185 0.94 5.81 -7.85
CA SER A 185 0.39 4.59 -8.42
C SER A 185 -1.07 4.39 -8.03
N SER A 186 -1.39 4.65 -6.76
CA SER A 186 -2.79 4.50 -6.33
C SER A 186 -3.69 5.54 -6.99
N SER A 187 -3.20 6.77 -7.12
CA SER A 187 -4.01 7.82 -7.76
C SER A 187 -4.25 7.51 -9.23
N ALA A 188 -3.25 6.91 -9.90
CA ALA A 188 -3.45 6.52 -11.29
C ALA A 188 -4.55 5.49 -11.42
N PHE A 189 -4.58 4.50 -10.51
CA PHE A 189 -5.64 3.50 -10.55
C PHE A 189 -7.00 4.12 -10.25
N MET A 190 -7.04 5.05 -9.30
CA MET A 190 -8.31 5.72 -9.00
C MET A 190 -8.83 6.50 -10.20
N SER A 191 -7.94 7.22 -10.89
CA SER A 191 -8.36 7.94 -12.10
C SER A 191 -8.81 6.97 -13.18
N LEU A 192 -8.11 5.84 -13.31
CA LEU A 192 -8.52 4.83 -14.28
C LEU A 192 -9.92 4.32 -13.97
N ALA A 193 -10.21 4.08 -12.69
CA ALA A 193 -11.54 3.61 -12.30
C ALA A 193 -12.60 4.67 -12.59
N SER A 194 -12.30 5.93 -12.29
CA SER A 194 -13.26 6.99 -12.53
C SER A 194 -13.55 7.18 -14.01
N GLN A 195 -12.51 7.10 -14.85
CA GLN A 195 -12.69 7.33 -16.28
C GLN A 195 -13.58 6.26 -16.90
N PHE A 196 -13.39 5.00 -16.51
CA PHE A 196 -14.19 3.89 -17.02
C PHE A 196 -14.83 3.18 -15.86
N PRO A 197 -16.02 3.58 -15.42
CA PRO A 197 -16.64 2.97 -14.24
C PRO A 197 -17.59 1.83 -14.55
N VAL A 198 -17.56 0.79 -13.73
CA VAL A 198 -18.64 -0.20 -13.76
C VAL A 198 -19.92 0.46 -13.27
N PRO A 199 -21.08 0.18 -13.88
CA PRO A 199 -22.32 0.82 -13.43
C PRO A 199 -22.75 0.30 -12.06
N PHE A 200 -22.56 1.12 -11.03
CA PHE A 200 -22.99 0.80 -9.68
C PHE A 200 -23.44 2.06 -8.98
N VAL A 201 -23.79 1.92 -7.71
CA VAL A 201 -24.23 3.06 -6.90
C VAL A 201 -23.07 4.01 -6.62
N SER A 278 -16.77 -9.79 -1.19
CA SER A 278 -17.14 -10.21 -2.54
C SER A 278 -16.19 -9.60 -3.56
N THR A 279 -15.86 -10.39 -4.58
CA THR A 279 -14.92 -9.98 -5.63
C THR A 279 -15.70 -9.46 -6.82
N MET A 280 -15.80 -8.14 -6.94
CA MET A 280 -16.42 -7.49 -8.09
C MET A 280 -15.49 -6.44 -8.63
N ASP A 281 -15.33 -6.43 -9.96
CA ASP A 281 -14.45 -5.47 -10.60
C ASP A 281 -15.07 -4.06 -10.58
N THR A 282 -14.25 -3.08 -10.22
CA THR A 282 -14.69 -1.69 -10.15
C THR A 282 -14.50 -0.94 -11.46
N VAL A 283 -13.93 -1.59 -12.48
CA VAL A 283 -13.64 -0.96 -13.76
C VAL A 283 -14.15 -1.85 -14.87
N ASP A 284 -14.76 -1.23 -15.87
CA ASP A 284 -15.26 -1.95 -17.04
C ASP A 284 -14.06 -2.32 -17.90
N TRP A 285 -13.36 -3.39 -17.50
CA TRP A 285 -12.14 -3.78 -18.20
C TRP A 285 -12.43 -4.15 -19.65
N LYS A 286 -13.63 -4.66 -19.93
CA LYS A 286 -14.00 -4.95 -21.32
C LYS A 286 -14.05 -3.67 -22.14
N ALA A 287 -14.61 -2.60 -21.59
CA ALA A 287 -14.62 -1.32 -22.29
C ALA A 287 -13.22 -0.78 -22.49
N ILE A 288 -12.36 -0.91 -21.48
CA ILE A 288 -10.98 -0.45 -21.61
C ILE A 288 -10.27 -1.20 -22.72
N ARG A 289 -10.45 -2.52 -22.79
CA ARG A 289 -9.87 -3.29 -23.88
C ARG A 289 -10.44 -2.85 -25.22
N ALA A 290 -11.74 -2.54 -25.26
CA ALA A 290 -12.35 -2.06 -26.49
C ALA A 290 -12.00 -0.60 -26.75
N ALA A 291 -11.56 0.11 -25.72
CA ALA A 291 -11.28 1.54 -25.87
C ALA A 291 -10.00 1.76 -26.66
N ASP A 292 -9.90 2.93 -27.28
CA ASP A 292 -8.70 3.30 -28.02
C ASP A 292 -7.55 3.64 -27.07
N VAL A 293 -6.33 3.50 -27.57
CA VAL A 293 -5.16 3.62 -26.71
C VAL A 293 -4.97 5.05 -26.22
N LYS A 294 -5.39 6.03 -27.02
CA LYS A 294 -5.11 7.43 -26.70
C LYS A 294 -5.76 7.85 -25.38
N GLU A 295 -7.05 7.56 -25.22
CA GLU A 295 -7.75 7.98 -24.01
C GLU A 295 -7.23 7.24 -22.79
N VAL A 296 -6.90 5.97 -22.93
CA VAL A 296 -6.35 5.20 -21.82
C VAL A 296 -5.01 5.78 -21.38
N ALA A 297 -4.14 6.09 -22.36
CA ALA A 297 -2.85 6.68 -22.01
C ALA A 297 -3.01 8.05 -21.37
N GLU A 298 -3.98 8.84 -21.85
CA GLU A 298 -4.24 10.14 -21.23
C GLU A 298 -4.76 9.98 -19.81
N THR A 299 -5.51 8.91 -19.55
CA THR A 299 -6.11 8.72 -18.23
C THR A 299 -5.06 8.59 -17.13
N ILE A 300 -4.01 7.80 -17.39
CA ILE A 300 -2.99 7.56 -16.39
C ILE A 300 -1.69 8.30 -16.70
N LYS A 301 -1.76 9.36 -17.52
CA LYS A 301 -0.55 10.06 -17.92
C LYS A 301 0.16 10.70 -16.73
N SER A 302 -0.56 10.99 -15.65
CA SER A 302 0.06 11.65 -14.50
C SER A 302 1.10 10.77 -13.84
N ARG A 303 0.95 9.45 -13.97
CA ARG A 303 1.88 8.54 -13.31
C ARG A 303 3.21 8.47 -14.04
N GLY A 304 3.18 8.48 -15.36
CA GLY A 304 4.36 8.27 -16.18
C GLY A 304 4.30 6.95 -16.91
N MET A 305 5.16 6.83 -17.92
CA MET A 305 5.16 5.67 -18.82
C MET A 305 3.77 5.40 -19.37
N ASN A 306 3.06 6.47 -19.73
CA ASN A 306 1.64 6.35 -20.05
C ASN A 306 1.40 5.44 -21.23
N HIS A 307 2.09 5.67 -22.35
CA HIS A 307 1.87 4.84 -23.54
C HIS A 307 2.32 3.41 -23.30
N LYS A 308 3.49 3.23 -22.68
CA LYS A 308 4.02 1.89 -22.45
C LYS A 308 3.08 1.07 -21.56
N LEU A 309 2.71 1.62 -20.41
CA LEU A 309 1.82 0.91 -19.50
C LEU A 309 0.44 0.70 -20.10
N ALA A 310 -0.07 1.70 -20.83
CA ALA A 310 -1.38 1.55 -21.44
C ALA A 310 -1.38 0.42 -22.46
N GLU A 311 -0.34 0.33 -23.29
CA GLU A 311 -0.26 -0.75 -24.26
C GLU A 311 -0.07 -2.10 -23.58
N ARG A 312 0.71 -2.14 -22.50
CA ARG A 312 0.86 -3.40 -21.77
C ARG A 312 -0.46 -3.85 -21.16
N ILE A 313 -1.24 -2.92 -20.62
CA ILE A 313 -2.54 -3.25 -20.05
C ILE A 313 -3.49 -3.75 -21.14
N GLN A 314 -3.49 -3.07 -22.29
CA GLN A 314 -4.35 -3.51 -23.39
C GLN A 314 -3.96 -4.89 -23.86
N GLY A 315 -2.66 -5.17 -23.97
CA GLY A 315 -2.21 -6.50 -24.35
C GLY A 315 -2.59 -7.55 -23.33
N PHE A 316 -2.47 -7.22 -22.05
CA PHE A 316 -2.86 -8.14 -20.99
C PHE A 316 -4.34 -8.48 -21.08
N LEU A 317 -5.19 -7.47 -21.25
CA LEU A 317 -6.63 -7.72 -21.38
C LEU A 317 -6.93 -8.51 -22.64
N ASP A 318 -6.25 -8.21 -23.75
CA ASP A 318 -6.50 -8.93 -24.99
C ASP A 318 -6.11 -10.40 -24.85
N ARG A 319 -4.97 -10.67 -24.22
CA ARG A 319 -4.58 -12.06 -23.98
C ARG A 319 -5.56 -12.76 -23.04
N LEU A 320 -6.04 -12.05 -22.02
CA LEU A 320 -7.01 -12.64 -21.10
C LEU A 320 -8.30 -13.00 -21.83
N VAL A 321 -8.72 -12.17 -22.78
CA VAL A 321 -9.91 -12.50 -23.56
C VAL A 321 -9.62 -13.66 -24.52
N ASN A 322 -8.47 -13.63 -25.20
CA ASN A 322 -8.18 -14.65 -26.21
C ASN A 322 -8.02 -16.03 -25.60
N ASP A 323 -7.35 -16.13 -24.45
CA ASP A 323 -7.08 -17.40 -23.80
C ASP A 323 -7.88 -17.50 -22.53
N HIS A 324 -8.54 -18.64 -22.33
CA HIS A 324 -9.36 -18.95 -21.15
C HIS A 324 -10.64 -18.12 -21.08
N GLY A 325 -11.25 -17.82 -22.23
CA GLY A 325 -12.57 -17.21 -22.23
C GLY A 325 -12.53 -15.75 -21.82
N SER A 326 -13.56 -15.32 -21.10
CA SER A 326 -13.74 -13.91 -20.78
C SER A 326 -12.80 -13.50 -19.63
N ILE A 327 -13.00 -12.27 -19.16
CA ILE A 327 -12.13 -11.67 -18.16
C ILE A 327 -12.53 -12.14 -16.76
N ASP A 328 -11.83 -13.15 -16.25
CA ASP A 328 -12.03 -13.65 -14.90
C ASP A 328 -10.76 -14.37 -14.45
N LEU A 329 -10.37 -14.14 -13.20
CA LEU A 329 -9.20 -14.77 -12.61
C LEU A 329 -9.45 -15.26 -11.19
N GLU A 330 -10.72 -15.45 -10.82
CA GLU A 330 -11.04 -15.89 -9.47
C GLU A 330 -10.52 -17.30 -9.19
N TRP A 331 -10.46 -18.15 -10.23
CA TRP A 331 -10.02 -19.53 -10.03
C TRP A 331 -8.55 -19.63 -9.67
N LEU A 332 -7.80 -18.54 -9.81
CA LEU A 332 -6.39 -18.56 -9.43
C LEU A 332 -6.21 -18.83 -7.94
N ARG A 333 -7.23 -18.51 -7.14
CA ARG A 333 -7.15 -18.75 -5.70
C ARG A 333 -7.14 -20.24 -5.38
N ASP A 334 -7.83 -21.04 -6.21
CA ASP A 334 -8.00 -22.46 -5.89
C ASP A 334 -6.74 -23.27 -6.21
N VAL A 335 -6.03 -22.91 -7.27
CA VAL A 335 -4.93 -23.71 -7.79
C VAL A 335 -3.75 -23.70 -6.81
N PRO A 336 -2.85 -24.68 -6.90
CA PRO A 336 -1.71 -24.69 -5.98
C PRO A 336 -0.83 -23.48 -6.20
N PRO A 337 -0.14 -23.02 -5.14
CA PRO A 337 0.60 -21.75 -5.26
C PRO A 337 1.66 -21.70 -6.34
N ASP A 338 2.38 -22.80 -6.58
CA ASP A 338 3.48 -22.74 -7.53
C ASP A 338 2.97 -22.57 -8.96
N LYS A 339 1.91 -23.29 -9.34
CA LYS A 339 1.36 -23.12 -10.67
C LYS A 339 0.75 -21.73 -10.86
N ALA A 340 0.10 -21.21 -9.82
CA ALA A 340 -0.42 -19.84 -9.90
C ALA A 340 0.70 -18.84 -10.09
N LYS A 341 1.81 -19.02 -9.36
CA LYS A 341 2.95 -18.13 -9.52
C LYS A 341 3.52 -18.21 -10.93
N GLU A 342 3.64 -19.42 -11.47
CA GLU A 342 4.17 -19.57 -12.83
C GLU A 342 3.26 -18.92 -13.86
N TYR A 343 1.95 -19.12 -13.73
CA TYR A 343 1.02 -18.53 -14.69
C TYR A 343 1.03 -17.01 -14.60
N LEU A 344 1.12 -16.46 -13.38
CA LEU A 344 1.21 -15.00 -13.24
C LEU A 344 2.50 -14.48 -13.84
N LEU A 345 3.62 -15.18 -13.61
CA LEU A 345 4.89 -14.75 -14.16
C LEU A 345 4.93 -14.87 -15.67
N SER A 346 4.08 -15.72 -16.25
CA SER A 346 4.09 -15.92 -17.69
C SER A 346 3.75 -14.64 -18.44
N PHE A 347 3.00 -13.73 -17.80
CA PHE A 347 2.62 -12.49 -18.46
C PHE A 347 3.82 -11.58 -18.65
N ASN A 348 3.80 -10.82 -19.74
CA ASN A 348 4.83 -9.81 -19.98
C ASN A 348 4.57 -8.59 -19.11
N GLY A 349 5.66 -7.94 -18.69
CA GLY A 349 5.56 -6.79 -17.82
C GLY A 349 5.50 -7.10 -16.34
N LEU A 350 5.53 -8.38 -15.97
CA LEU A 350 5.52 -8.81 -14.58
C LEU A 350 6.81 -9.57 -14.27
N GLY A 351 7.43 -9.24 -13.15
CA GLY A 351 8.66 -9.90 -12.76
C GLY A 351 8.50 -10.74 -11.52
N LEU A 352 9.60 -11.03 -10.83
CA LEU A 352 9.53 -11.86 -9.63
C LEU A 352 8.90 -11.11 -8.47
N LYS A 353 9.30 -9.85 -8.25
CA LYS A 353 8.86 -9.12 -7.07
C LYS A 353 7.37 -8.80 -7.13
N SER A 354 6.87 -8.41 -8.31
CA SER A 354 5.45 -8.12 -8.43
C SER A 354 4.60 -9.36 -8.16
N VAL A 355 5.02 -10.51 -8.72
CA VAL A 355 4.28 -11.74 -8.50
C VAL A 355 4.34 -12.16 -7.05
N GLU A 356 5.49 -11.99 -6.40
CA GLU A 356 5.60 -12.31 -4.99
C GLU A 356 4.67 -11.44 -4.15
N CYS A 357 4.62 -10.14 -4.45
CA CYS A 357 3.73 -9.25 -3.72
C CYS A 357 2.27 -9.62 -3.94
N VAL A 358 1.91 -9.96 -5.18
CA VAL A 358 0.54 -10.38 -5.45
C VAL A 358 0.19 -11.63 -4.65
N ARG A 359 1.07 -12.63 -4.66
CA ARG A 359 0.79 -13.87 -3.96
C ARG A 359 0.69 -13.66 -2.46
N LEU A 360 1.61 -12.89 -1.88
CA LEU A 360 1.60 -12.67 -0.44
C LEU A 360 0.37 -11.88 -0.02
N LEU A 361 -0.01 -10.86 -0.80
CA LEU A 361 -1.05 -9.96 -0.33
C LEU A 361 -2.44 -10.39 -0.79
N THR A 362 -2.55 -10.97 -1.98
CA THR A 362 -3.85 -11.33 -2.53
C THR A 362 -4.22 -12.78 -2.24
N LEU A 363 -3.39 -13.73 -2.65
CA LEU A 363 -3.70 -15.15 -2.52
C LEU A 363 -3.27 -15.73 -1.20
N HIS A 364 -2.71 -14.93 -0.30
CA HIS A 364 -2.41 -15.32 1.08
C HIS A 364 -1.39 -16.45 1.15
N HIS A 365 -0.51 -16.57 0.18
CA HIS A 365 0.50 -17.61 0.19
C HIS A 365 1.62 -17.23 1.16
N LEU A 366 2.71 -18.00 1.13
CA LEU A 366 3.88 -17.75 1.96
C LEU A 366 5.01 -17.30 1.05
N ALA A 367 5.06 -16.00 0.77
CA ALA A 367 6.09 -15.41 -0.06
C ALA A 367 6.48 -14.07 0.54
N PHE A 368 7.65 -13.56 0.13
CA PHE A 368 8.17 -12.33 0.69
C PHE A 368 8.83 -11.50 -0.40
N PRO A 369 8.30 -10.31 -0.71
CA PRO A 369 8.92 -9.44 -1.71
C PRO A 369 10.15 -8.73 -1.15
N VAL A 370 11.32 -8.97 -1.74
CA VAL A 370 12.56 -8.35 -1.29
C VAL A 370 12.79 -7.14 -2.20
N ASN A 371 12.29 -5.99 -1.77
CA ASN A 371 12.42 -4.75 -2.51
C ASN A 371 13.63 -3.96 -2.00
N THR A 372 13.76 -2.72 -2.46
CA THR A 372 14.85 -1.87 -1.99
C THR A 372 14.69 -1.57 -0.50
N ASN A 373 13.46 -1.43 -0.02
CA ASN A 373 13.23 -1.28 1.42
C ASN A 373 13.68 -2.51 2.17
N VAL A 374 13.36 -3.69 1.66
CA VAL A 374 13.68 -4.93 2.36
C VAL A 374 15.18 -5.18 2.36
N GLY A 375 15.83 -5.02 1.20
CA GLY A 375 17.26 -5.31 1.11
C GLY A 375 18.10 -4.40 1.98
N ARG A 376 17.85 -3.10 1.91
CA ARG A 376 18.61 -2.14 2.70
C ARG A 376 18.44 -2.39 4.19
N ILE A 377 17.19 -2.62 4.63
CA ILE A 377 16.94 -2.87 6.04
C ILE A 377 17.61 -4.16 6.49
N ALA A 378 17.50 -5.22 5.67
CA ALA A 378 18.10 -6.49 6.04
C ALA A 378 19.62 -6.37 6.17
N VAL A 379 20.25 -5.67 5.22
CA VAL A 379 21.70 -5.52 5.26
C VAL A 379 22.13 -4.68 6.46
N ARG A 380 21.45 -3.56 6.68
CA ARG A 380 21.92 -2.60 7.68
C ARG A 380 21.60 -3.07 9.11
N LEU A 381 20.48 -3.77 9.29
CA LEU A 381 19.97 -4.06 10.63
C LEU A 381 20.46 -5.44 11.11
N GLY A 382 21.77 -5.63 11.03
CA GLY A 382 22.41 -6.77 11.66
C GLY A 382 21.89 -8.14 11.24
N TRP A 383 21.37 -8.26 10.03
CA TRP A 383 20.82 -9.52 9.56
C TRP A 383 21.68 -10.15 8.46
N VAL A 384 21.96 -9.42 7.39
CA VAL A 384 22.81 -9.94 6.32
C VAL A 384 23.88 -8.92 5.96
N GLU A 399 27.81 3.82 3.42
CA GLU A 399 28.57 2.94 2.55
C GLU A 399 28.23 3.17 1.08
N MET A 400 26.92 3.23 0.79
CA MET A 400 26.39 3.41 -0.56
C MET A 400 26.80 2.28 -1.50
N TYR A 401 27.15 1.12 -0.95
CA TYR A 401 27.55 -0.01 -1.78
C TYR A 401 26.35 -0.55 -2.54
N PRO A 402 26.38 -0.58 -3.87
CA PRO A 402 25.25 -1.13 -4.63
C PRO A 402 25.25 -2.65 -4.57
N MET A 403 24.24 -3.21 -3.92
CA MET A 403 24.09 -4.65 -3.80
C MET A 403 23.00 -5.12 -4.75
N LEU A 404 23.34 -6.14 -5.55
CA LEU A 404 22.36 -6.71 -6.50
C LEU A 404 21.29 -7.46 -5.69
N GLU A 405 20.04 -7.39 -6.14
CA GLU A 405 18.94 -8.04 -5.41
C GLU A 405 19.00 -9.55 -5.62
N SER A 406 19.84 -10.21 -4.82
CA SER A 406 19.93 -11.66 -4.82
C SER A 406 19.98 -12.15 -3.38
N ILE A 407 19.80 -11.23 -2.43
CA ILE A 407 19.78 -11.61 -1.03
C ILE A 407 18.54 -12.44 -0.70
N GLN A 408 17.57 -12.50 -1.62
CA GLN A 408 16.44 -13.40 -1.42
C GLN A 408 16.90 -14.84 -1.32
N LYS A 409 17.85 -15.25 -2.16
CA LYS A 409 18.42 -16.59 -2.04
C LYS A 409 19.08 -16.79 -0.69
N TYR A 410 19.52 -15.70 -0.06
CA TYR A 410 20.04 -15.78 1.30
C TYR A 410 18.92 -15.60 2.32
N LEU A 411 18.08 -14.59 2.15
CA LEU A 411 17.09 -14.26 3.18
C LEU A 411 15.98 -15.31 3.25
N TRP A 412 15.42 -15.70 2.10
CA TRP A 412 14.24 -16.55 2.13
C TRP A 412 14.46 -17.92 2.78
N PRO A 413 15.56 -18.64 2.54
CA PRO A 413 15.75 -19.90 3.26
C PRO A 413 15.72 -19.72 4.77
N ARG A 414 16.21 -18.59 5.27
CA ARG A 414 16.07 -18.29 6.69
C ARG A 414 14.60 -18.14 7.08
N LEU A 415 13.80 -17.57 6.18
CA LEU A 415 12.39 -17.33 6.43
C LEU A 415 11.47 -18.32 5.74
N CYS A 416 12.01 -19.43 5.23
CA CYS A 416 11.16 -20.43 4.57
C CYS A 416 10.14 -21.02 5.52
N LYS A 417 10.55 -21.31 6.75
CA LYS A 417 9.66 -21.87 7.76
C LYS A 417 9.27 -20.76 8.73
N LEU A 418 8.11 -20.16 8.49
CA LEU A 418 7.60 -19.11 9.35
C LEU A 418 6.09 -19.00 9.16
N ASP A 419 5.43 -18.39 10.14
CA ASP A 419 3.99 -18.19 10.06
C ASP A 419 3.65 -17.21 8.95
N GLN A 420 2.57 -17.44 8.21
CA GLN A 420 2.15 -16.54 7.15
C GLN A 420 1.72 -15.19 7.67
N LYS A 421 0.97 -15.22 8.75
CA LYS A 421 0.54 -13.98 9.34
C LYS A 421 1.78 -13.25 9.78
N THR A 422 2.78 -13.99 10.27
CA THR A 422 4.03 -13.35 10.63
C THR A 422 4.58 -12.60 9.46
N LEU A 423 4.73 -13.20 8.30
CA LEU A 423 5.36 -12.49 7.20
C LEU A 423 4.63 -11.22 6.79
N TYR A 424 3.30 -11.30 6.67
CA TYR A 424 2.55 -10.14 6.22
C TYR A 424 2.76 -9.03 7.22
N GLU A 425 2.66 -9.33 8.49
CA GLU A 425 2.81 -8.30 9.52
C GLU A 425 4.20 -7.72 9.57
N LEU A 426 5.21 -8.58 9.41
CA LEU A 426 6.58 -8.16 9.55
C LEU A 426 6.72 -7.17 8.53
N HIS A 427 6.17 -7.44 7.37
CA HIS A 427 6.43 -6.40 6.42
C HIS A 427 5.63 -5.20 6.34
N TYR A 428 4.41 -5.27 6.80
CA TYR A 428 3.73 -4.04 6.79
C TYR A 428 4.69 -3.24 7.69
N GLN A 429 5.16 -3.81 8.80
CA GLN A 429 6.00 -3.01 9.70
C GLN A 429 7.26 -2.49 9.06
N MET A 430 7.93 -3.34 8.28
CA MET A 430 9.18 -2.94 7.65
C MET A 430 9.01 -1.86 6.61
N ILE A 431 7.94 -1.96 5.84
CA ILE A 431 7.68 -0.94 4.86
C ILE A 431 7.55 0.31 5.68
N THR A 432 6.91 0.21 6.84
CA THR A 432 6.72 1.44 7.58
C THR A 432 8.04 1.96 8.15
N PHE A 433 8.87 1.07 8.66
CA PHE A 433 10.18 1.43 9.23
C PHE A 433 11.10 1.99 8.18
N GLY A 434 11.08 1.41 7.00
CA GLY A 434 11.90 1.90 5.92
C GLY A 434 11.47 3.31 5.58
N LYS A 435 10.17 3.56 5.56
CA LYS A 435 9.76 4.88 5.21
C LYS A 435 9.93 5.86 6.34
N VAL A 436 9.84 5.43 7.59
CA VAL A 436 9.87 6.41 8.67
C VAL A 436 11.29 6.68 9.14
N PHE A 437 11.96 5.66 9.66
CA PHE A 437 13.26 5.83 10.32
C PHE A 437 14.45 5.57 9.41
N CYS A 438 14.53 4.38 8.81
CA CYS A 438 15.74 3.96 8.10
C CYS A 438 15.67 4.33 6.61
N THR A 439 15.59 5.64 6.37
CA THR A 439 15.65 6.14 5.01
C THR A 439 17.08 6.04 4.48
N LYS A 440 17.21 6.08 3.16
CA LYS A 440 18.52 5.92 2.53
C LYS A 440 19.47 7.03 2.93
N SER A 441 18.99 8.27 2.98
CA SER A 441 19.82 9.43 3.30
C SER A 441 19.45 9.96 4.68
N LYS A 442 20.45 10.02 5.56
CA LYS A 442 20.30 10.57 6.90
C LYS A 442 19.17 9.90 7.70
N PRO A 443 19.35 8.65 8.09
CA PRO A 443 18.33 8.00 8.94
C PRO A 443 18.32 8.60 10.34
N ASN A 444 17.13 8.64 10.94
CA ASN A 444 16.96 9.16 12.30
C ASN A 444 17.38 8.10 13.30
N CYS A 445 18.66 7.75 13.25
CA CYS A 445 19.21 6.68 14.08
C CYS A 445 19.16 7.00 15.57
N ASN A 446 19.07 8.27 15.94
CA ASN A 446 19.01 8.63 17.36
C ASN A 446 17.70 8.13 17.99
N ALA A 447 16.59 8.30 17.28
CA ALA A 447 15.29 7.93 17.84
C ALA A 447 14.90 6.51 17.50
N CYS A 448 15.69 5.84 16.65
CA CYS A 448 15.32 4.50 16.20
C CYS A 448 15.44 3.52 17.35
N PRO A 449 14.37 2.77 17.67
CA PRO A 449 14.44 1.78 18.75
C PRO A 449 15.46 0.68 18.53
N MET A 450 15.71 0.28 17.27
CA MET A 450 16.66 -0.78 16.97
C MET A 450 18.07 -0.25 16.76
N LYS A 451 18.40 0.90 17.35
CA LYS A 451 19.76 1.42 17.27
C LYS A 451 20.73 0.52 18.02
N GLY A 452 20.24 -0.16 19.07
CA GLY A 452 21.11 -1.05 19.82
C GLY A 452 21.59 -2.24 19.01
N GLU A 453 20.71 -2.84 18.22
CA GLU A 453 21.02 -4.03 17.45
C GLU A 453 21.39 -3.71 16.01
N CYS A 454 21.50 -2.43 15.65
CA CYS A 454 21.77 -2.05 14.27
C CYS A 454 23.25 -2.26 13.94
N ARG A 455 23.51 -3.10 12.95
CA ARG A 455 24.88 -3.30 12.47
C ARG A 455 25.41 -2.03 11.82
N HIS A 456 24.58 -1.35 11.04
CA HIS A 456 25.00 -0.12 10.38
C HIS A 456 25.42 0.94 11.39
N PHE A 457 24.89 0.86 12.61
CA PHE A 457 25.35 1.75 13.67
C PHE A 457 26.81 1.48 13.99
N ALA A 458 27.21 0.20 14.03
CA ALA A 458 28.61 -0.13 14.27
C ALA A 458 29.48 0.30 13.10
N SER A 459 28.97 0.18 11.87
CA SER A 459 29.73 0.62 10.70
C SER A 459 30.01 2.11 10.76
N ALA A 460 29.01 2.91 11.15
CA ALA A 460 29.24 4.33 11.37
C ALA A 460 29.97 4.57 12.68
N PHE A 461 29.63 3.81 13.73
CA PHE A 461 30.26 3.96 15.03
C PHE A 461 30.11 2.69 15.86
N HIS A 567 -2.39 20.18 10.62
CA HIS A 567 -3.23 20.97 11.52
C HIS A 567 -4.11 20.06 12.37
N ARG A 568 -4.32 20.44 13.63
CA ARG A 568 -5.21 19.70 14.49
C ARG A 568 -6.65 19.78 13.99
N VAL A 569 -7.34 18.65 14.05
CA VAL A 569 -8.70 18.54 13.53
C VAL A 569 -9.61 17.95 14.59
N TYR A 570 -10.91 18.17 14.42
CA TYR A 570 -11.95 17.58 15.23
C TYR A 570 -12.63 16.46 14.45
N GLU A 571 -12.65 15.27 15.02
CA GLU A 571 -13.27 14.13 14.34
C GLU A 571 -14.77 14.14 14.56
N LEU A 572 -15.51 13.72 13.53
CA LEU A 572 -16.96 13.70 13.56
C LEU A 572 -17.46 12.30 13.86
N PRO A 573 -18.36 12.13 14.83
CA PRO A 573 -18.90 10.80 15.10
C PRO A 573 -19.65 10.24 13.90
N ASP A 574 -19.99 8.96 14.01
CA ASP A 574 -20.65 8.27 12.90
C ASP A 574 -22.01 8.88 12.59
N GLU A 575 -22.77 9.24 13.63
CA GLU A 575 -24.11 9.79 13.48
C GLU A 575 -24.13 11.31 13.50
N HIS A 576 -23.03 11.97 13.15
CA HIS A 576 -23.02 13.42 13.12
C HIS A 576 -23.92 13.93 11.99
N PRO A 577 -24.66 15.02 12.22
CA PRO A 577 -25.57 15.51 11.18
C PRO A 577 -24.89 15.96 9.90
N LEU A 578 -23.60 16.31 9.95
CA LEU A 578 -22.93 16.84 8.77
C LEU A 578 -22.77 15.80 7.67
N LEU A 579 -22.68 14.53 8.03
CA LEU A 579 -22.43 13.47 7.07
C LEU A 579 -23.72 12.93 6.44
N ALA A 580 -24.80 13.72 6.43
CA ALA A 580 -26.06 13.25 5.85
C ALA A 580 -25.90 12.95 4.37
N GLN A 581 -25.21 13.82 3.63
CA GLN A 581 -24.98 13.56 2.22
C GLN A 581 -23.90 12.51 2.02
N LEU A 582 -23.07 12.29 3.03
CA LEU A 582 -21.99 11.31 2.91
C LEU A 582 -22.54 9.89 2.93
N GLU A 583 -21.81 8.98 2.29
CA GLU A 583 -22.21 7.59 2.22
C GLU A 583 -21.99 6.92 3.57
N LYS A 584 -22.60 5.74 3.72
CA LYS A 584 -22.48 4.99 4.97
C LYS A 584 -21.06 4.48 5.16
N ARG A 585 -20.57 4.58 6.40
CA ARG A 585 -19.20 4.18 6.70
C ARG A 585 -19.05 2.67 6.62
N GLU A 586 -17.89 2.22 6.16
CA GLU A 586 -17.62 0.79 6.13
C GLU A 586 -17.49 0.27 7.55
N PRO A 587 -18.19 -0.82 7.90
CA PRO A 587 -18.12 -1.32 9.28
C PRO A 587 -16.73 -1.79 9.70
N ASP A 588 -15.87 -2.14 8.74
CA ASP A 588 -14.57 -2.71 9.07
C ASP A 588 -13.52 -1.64 9.27
N ASP A 589 -13.71 -0.44 8.73
CA ASP A 589 -12.68 0.57 8.77
C ASP A 589 -12.48 1.10 10.18
N PRO A 590 -11.26 1.07 10.72
CA PRO A 590 -11.04 1.65 12.05
C PRO A 590 -11.09 3.17 12.06
N CYS A 591 -10.85 3.81 10.93
CA CYS A 591 -10.81 5.27 10.87
C CYS A 591 -12.21 5.85 11.00
N SER A 592 -12.27 7.13 11.36
CA SER A 592 -13.52 7.86 11.51
C SER A 592 -13.48 9.12 10.65
N TYR A 593 -14.67 9.66 10.39
CA TYR A 593 -14.78 10.88 9.60
C TYR A 593 -14.15 12.05 10.34
N LEU A 594 -13.50 12.93 9.58
CA LEU A 594 -12.80 14.08 10.12
C LEU A 594 -13.39 15.37 9.57
N LEU A 595 -13.21 16.45 10.31
CA LEU A 595 -13.65 17.78 9.91
C LEU A 595 -12.44 18.65 9.64
N ALA A 596 -12.27 19.06 8.38
CA ALA A 596 -11.17 19.92 7.97
C ALA A 596 -11.61 21.36 8.11
N ILE A 597 -11.31 21.97 9.26
CA ILE A 597 -11.73 23.33 9.53
C ILE A 597 -10.79 24.31 8.82
N TRP A 598 -11.33 25.50 8.51
CA TRP A 598 -10.54 26.56 7.90
C TRP A 598 -10.32 27.71 8.86
N GLY A 644 -15.24 25.38 5.57
CA GLY A 644 -15.56 24.09 6.12
C GLY A 644 -15.35 22.96 5.12
N THR A 645 -14.47 22.02 5.47
CA THR A 645 -14.16 20.89 4.60
C THR A 645 -14.15 19.62 5.44
N ILE A 646 -14.31 18.48 4.76
CA ILE A 646 -14.39 17.17 5.39
C ILE A 646 -13.36 16.25 4.77
N LEU A 647 -12.75 15.40 5.59
CA LEU A 647 -11.78 14.41 5.14
C LEU A 647 -12.39 13.03 5.30
N ILE A 648 -12.50 12.30 4.20
CA ILE A 648 -13.09 10.97 4.19
C ILE A 648 -12.00 9.93 4.40
N PRO A 649 -12.22 8.93 5.26
CA PRO A 649 -11.25 7.84 5.38
C PRO A 649 -11.13 7.05 4.09
N CYS A 650 -9.94 6.49 3.88
CA CYS A 650 -9.63 5.83 2.61
C CYS A 650 -10.55 4.63 2.37
N ARG A 651 -10.71 3.76 3.36
CA ARG A 651 -11.55 2.59 3.19
C ARG A 651 -13.00 2.98 2.94
N THR A 652 -13.50 3.96 3.68
CA THR A 652 -14.86 4.44 3.47
C THR A 652 -15.01 5.08 2.10
N ALA A 653 -14.00 5.86 1.69
CA ALA A 653 -14.06 6.53 0.40
C ALA A 653 -14.09 5.53 -0.75
N MET A 654 -13.29 4.47 -0.65
CA MET A 654 -13.22 3.46 -1.70
C MET A 654 -14.23 2.34 -1.53
N ARG A 655 -15.03 2.37 -0.46
CA ARG A 655 -15.95 1.28 -0.13
C ARG A 655 -15.19 -0.04 0.00
N GLY A 656 -14.02 0.01 0.61
CA GLY A 656 -13.12 -1.13 0.56
C GLY A 656 -12.77 -1.41 -0.88
N SER A 657 -12.74 -2.69 -1.25
CA SER A 657 -12.62 -3.12 -2.64
C SER A 657 -11.43 -2.45 -3.35
N PHE A 658 -10.28 -2.47 -2.70
CA PHE A 658 -9.08 -1.89 -3.28
C PHE A 658 -7.99 -2.95 -3.36
N PRO A 659 -7.18 -2.91 -4.42
CA PRO A 659 -6.18 -3.98 -4.63
C PRO A 659 -5.11 -4.02 -3.56
N LEU A 660 -4.41 -5.15 -3.53
CA LEU A 660 -3.24 -5.36 -2.67
C LEU A 660 -3.57 -5.19 -1.19
N ASN A 661 -4.77 -5.59 -0.79
CA ASN A 661 -5.20 -5.54 0.61
C ASN A 661 -5.11 -4.13 1.18
N GLY A 662 -5.15 -3.12 0.30
CA GLY A 662 -5.05 -1.75 0.75
C GLY A 662 -3.73 -1.43 1.43
N THR A 663 -2.65 -2.09 1.00
CA THR A 663 -1.34 -1.79 1.55
C THR A 663 -0.78 -0.46 1.06
N TYR A 664 -1.42 0.17 0.06
CA TYR A 664 -1.00 1.48 -0.38
C TYR A 664 -1.12 2.51 0.73
N PHE A 665 -2.21 2.45 1.49
CA PHE A 665 -2.53 3.46 2.48
C PHE A 665 -1.99 3.07 3.84
N GLN A 666 -1.51 4.06 4.59
CA GLN A 666 -1.09 3.84 5.97
C GLN A 666 -2.29 3.47 6.83
N VAL A 667 -2.00 3.21 8.12
CA VAL A 667 -3.07 2.83 9.05
C VAL A 667 -4.08 3.95 9.19
N ASN A 668 -3.61 5.20 9.21
CA ASN A 668 -4.48 6.36 9.38
C ASN A 668 -4.47 7.27 8.15
N GLU A 669 -4.29 6.70 6.96
CA GLU A 669 -4.34 7.50 5.74
C GLU A 669 -5.79 7.82 5.38
N VAL A 670 -6.05 9.09 5.05
CA VAL A 670 -7.40 9.57 4.75
C VAL A 670 -7.36 10.34 3.44
N PHE A 671 -8.53 10.49 2.82
CA PHE A 671 -8.66 11.30 1.62
C PHE A 671 -9.32 12.63 1.94
N ALA A 672 -9.33 13.52 0.96
CA ALA A 672 -9.97 14.82 1.06
C ALA A 672 -11.10 14.92 0.04
N ASP A 673 -12.08 15.75 0.34
CA ASP A 673 -13.22 15.96 -0.54
C ASP A 673 -12.94 17.16 -1.43
N HIS A 674 -12.84 16.90 -2.74
CA HIS A 674 -12.53 17.99 -3.68
C HIS A 674 -13.69 18.97 -3.78
N ALA A 675 -14.92 18.46 -3.80
CA ALA A 675 -16.08 19.34 -3.88
C ALA A 675 -16.18 20.24 -2.65
N SER A 676 -15.92 19.68 -1.46
CA SER A 676 -15.97 20.48 -0.25
C SER A 676 -14.75 21.38 -0.14
N SER A 677 -13.64 21.00 -0.77
CA SER A 677 -12.46 21.87 -0.74
C SER A 677 -12.65 23.10 -1.63
N LEU A 678 -13.16 22.89 -2.85
CA LEU A 678 -13.41 24.03 -3.73
C LEU A 678 -14.56 24.88 -3.23
N ASN A 679 -15.68 24.25 -2.88
CA ASN A 679 -16.83 24.95 -2.32
C ASN A 679 -16.97 24.50 -0.87
N PRO A 680 -16.52 25.29 0.10
CA PRO A 680 -16.55 24.84 1.49
C PRO A 680 -17.96 24.61 1.99
N ILE A 681 -18.13 23.56 2.77
CA ILE A 681 -19.34 23.32 3.55
C ILE A 681 -19.05 23.83 4.96
N ASN A 682 -19.27 25.13 5.17
CA ASN A 682 -18.84 25.81 6.38
C ASN A 682 -20.06 26.21 7.20
N VAL A 683 -20.11 25.76 8.45
CA VAL A 683 -21.12 26.17 9.42
C VAL A 683 -20.42 27.00 10.49
N PRO A 684 -20.55 28.33 10.48
CA PRO A 684 -19.89 29.21 11.44
C PRO A 684 -20.83 29.62 12.58
N PRO A 692 -13.42 15.10 20.50
CA PRO A 692 -11.98 15.00 20.74
C PRO A 692 -11.16 15.67 19.65
N ARG A 693 -9.88 15.93 19.92
CA ARG A 693 -9.00 16.60 18.98
C ARG A 693 -7.88 15.66 18.55
N ARG A 694 -7.68 15.53 17.25
CA ARG A 694 -6.63 14.70 16.69
C ARG A 694 -5.73 15.55 15.79
N THR A 695 -4.48 15.11 15.67
CA THR A 695 -3.47 15.83 14.90
C THR A 695 -3.30 15.15 13.55
N VAL A 696 -3.28 15.96 12.48
CA VAL A 696 -3.10 15.48 11.12
C VAL A 696 -1.87 16.15 10.53
N TYR A 697 -0.95 15.35 10.01
CA TYR A 697 0.25 15.85 9.36
C TYR A 697 0.06 15.79 7.84
N PHE A 698 0.15 16.95 7.19
CA PHE A 698 -0.02 17.06 5.75
C PHE A 698 1.35 17.15 5.08
N GLY A 699 1.43 16.59 3.88
CA GLY A 699 2.69 16.62 3.14
C GLY A 699 2.52 16.01 1.78
N THR A 700 3.59 16.07 0.99
CA THR A 700 3.54 15.53 -0.36
C THR A 700 3.65 14.01 -0.34
N SER A 701 4.29 13.44 0.68
CA SER A 701 4.48 12.00 0.74
C SER A 701 4.76 11.59 2.18
N VAL A 702 4.69 10.27 2.41
CA VAL A 702 4.96 9.74 3.75
C VAL A 702 6.37 10.02 4.23
N PRO A 703 7.43 9.72 3.46
CA PRO A 703 8.79 9.88 4.02
C PRO A 703 9.12 11.31 4.42
N THR A 704 8.58 12.31 3.73
CA THR A 704 8.95 13.69 4.00
C THR A 704 8.53 14.13 5.39
N ILE A 705 7.26 13.93 5.74
CA ILE A 705 6.75 14.44 7.01
C ILE A 705 7.30 13.63 8.18
N PHE A 706 7.54 12.34 7.97
CA PHE A 706 7.94 11.46 9.08
C PHE A 706 9.35 11.70 9.56
N LYS A 707 10.14 12.54 8.90
CA LYS A 707 11.49 12.81 9.37
C LYS A 707 11.44 13.64 10.64
N GLY A 708 11.42 12.96 11.78
CA GLY A 708 11.28 13.62 13.07
C GLY A 708 12.39 13.30 14.03
N LEU A 709 13.02 14.34 14.59
CA LEU A 709 14.19 14.14 15.44
C LEU A 709 13.80 13.54 16.78
N SER A 710 12.50 13.48 17.08
CA SER A 710 12.02 12.95 18.35
C SER A 710 11.22 11.68 18.10
N THR A 711 11.43 10.67 18.94
CA THR A 711 10.70 9.41 18.81
C THR A 711 9.27 9.54 19.33
N GLU A 712 9.07 10.32 20.40
CA GLU A 712 7.75 10.41 21.01
C GLU A 712 6.75 11.02 20.05
N LYS A 713 7.16 12.02 19.27
CA LYS A 713 6.25 12.63 18.31
C LYS A 713 5.77 11.63 17.29
N ILE A 714 6.68 10.81 16.75
CA ILE A 714 6.29 9.84 15.74
C ILE A 714 5.44 8.73 16.36
N GLN A 715 5.77 8.31 17.58
CA GLN A 715 4.95 7.30 18.25
C GLN A 715 3.53 7.80 18.48
N ALA A 716 3.39 9.06 18.92
CA ALA A 716 2.06 9.63 19.10
C ALA A 716 1.32 9.75 17.78
N CYS A 717 2.03 10.18 16.72
CA CYS A 717 1.40 10.29 15.41
C CYS A 717 0.95 8.94 14.89
N PHE A 718 1.65 7.87 15.26
CA PHE A 718 1.27 6.54 14.83
C PHE A 718 0.07 6.02 15.61
N TRP A 719 0.11 6.13 16.94
CA TRP A 719 -0.93 5.51 17.75
C TRP A 719 -2.22 6.32 17.75
N LYS A 720 -2.12 7.66 17.76
CA LYS A 720 -3.28 8.52 17.88
C LYS A 720 -3.23 9.72 16.94
N GLY A 721 -2.84 9.49 15.68
CA GLY A 721 -2.74 10.57 14.72
C GLY A 721 -3.29 10.16 13.36
N TYR A 722 -3.25 11.11 12.43
CA TYR A 722 -3.73 10.91 11.07
C TYR A 722 -2.79 11.57 10.08
N VAL A 723 -2.83 11.08 8.84
CA VAL A 723 -1.98 11.56 7.76
C VAL A 723 -2.82 11.70 6.49
N CYS A 724 -2.66 12.82 5.80
CA CYS A 724 -3.33 13.06 4.52
C CYS A 724 -2.33 13.64 3.53
N VAL A 725 -2.40 13.20 2.27
CA VAL A 725 -1.48 13.65 1.25
C VAL A 725 -2.17 14.04 -0.05
N ARG A 726 -3.44 13.69 -0.24
CA ARG A 726 -4.07 13.87 -1.54
C ARG A 726 -5.52 14.32 -1.39
N GLY A 727 -6.17 14.55 -2.52
CA GLY A 727 -7.56 14.96 -2.55
C GLY A 727 -8.37 14.05 -3.47
N PHE A 728 -9.69 14.15 -3.35
CA PHE A 728 -10.59 13.24 -4.03
C PHE A 728 -11.96 13.90 -4.18
N ASP A 729 -12.66 13.57 -5.26
CA ASP A 729 -13.99 14.10 -5.52
C ASP A 729 -15.02 12.98 -5.46
N ARG A 730 -16.20 13.29 -4.92
CA ARG A 730 -17.21 12.26 -4.75
C ARG A 730 -18.12 12.14 -5.97
N LYS A 731 -18.25 13.23 -6.74
CA LYS A 731 -19.19 13.24 -7.85
C LYS A 731 -18.77 12.31 -8.98
N THR A 732 -17.50 12.41 -9.40
CA THR A 732 -16.97 11.54 -10.45
C THR A 732 -16.08 10.43 -9.91
N ARG A 733 -15.87 10.39 -8.59
CA ARG A 733 -15.03 9.37 -7.95
C ARG A 733 -13.64 9.31 -8.57
N GLY A 734 -13.07 10.49 -8.84
CA GLY A 734 -11.74 10.57 -9.39
C GLY A 734 -10.82 11.41 -8.52
N PRO A 735 -9.53 11.04 -8.48
CA PRO A 735 -8.57 11.83 -7.70
C PRO A 735 -8.34 13.18 -8.36
N LYS A 736 -8.15 14.19 -7.52
CA LYS A 736 -7.92 15.55 -7.96
C LYS A 736 -6.71 16.10 -7.22
N PRO A 737 -6.00 17.07 -7.80
CA PRO A 737 -4.87 17.67 -7.09
C PRO A 737 -5.31 18.32 -5.78
N LEU A 738 -4.44 18.25 -4.78
CA LEU A 738 -4.72 18.83 -3.48
C LEU A 738 -4.78 20.36 -3.55
FE1 SF4 D . 19.54 4.17 11.93
FE2 SF4 D . 18.24 2.42 10.28
FE3 SF4 D . 17.59 2.54 12.93
FE4 SF4 D . 19.99 1.48 12.16
S1 SF4 D . 17.92 0.66 11.68
S2 SF4 D . 19.63 2.95 13.86
S3 SF4 D . 20.48 2.81 10.37
S4 SF4 D . 17.33 4.19 11.39
#